data_5FYB
#
_entry.id   5FYB
#
_cell.length_a   142.110
_cell.length_b   142.110
_cell.length_c   151.670
_cell.angle_alpha   90.00
_cell.angle_beta   90.00
_cell.angle_gamma   120.00
#
_symmetry.space_group_name_H-M   'P 65 2 2'
#
loop_
_entity.id
_entity.type
_entity.pdbx_description
1 polymer 'LYSINE-SPECIFIC DEMETHYLASE 5B, LYSINE-SPECIFIC DEMETHYLASE 5B'
2 non-polymer 'ZINC ION'
3 non-polymer 'MANGANESE (II) ION'
4 non-polymer N-hydroxy-3-[(6-oxo-4-phenyl-1,6-dihydropyrimidin-2-yl)sulfanyl]propanamide
5 non-polymer 1,2-ETHANEDIOL
6 non-polymer 'DIMETHYL SULFOXIDE'
7 water water
#
_entity_poly.entity_id   1
_entity_poly.type   'polypeptide(L)'
_entity_poly.pdbx_seq_one_letter_code
;SMFLPPPECPVFEPSWEEFADPFAFIHKIRPIAEQTGICKVRPPPDWQPPFACDVDKLHFTPRIQRLNELEAQTRVKLGG
GGARDYTLRTFGEMADAFKSDYFNMPVHMVPTELVEKEFWRLVSTIEEDVTVEYGADIASKEFGSGFPVRDGKIKLSPEE
EEYLDSGWNLNNMPVMEQSVLAHITADICGMKLPWLYVGMCFSSFCWHIEDHWSYSINYLHWGEPKTWYGVPGYAAEQLE
NVMKKLAPELFVSQPDLLHQLVTIMNPNTLMTHEVPVYRTNQCAGEFVITFPRAYHSGFNQGFNFAEAVNFCTVDWLPLG
RQCVEHYRLLHRYCVFSHDEMICKMASKADVLDVVVASTVQKDMAIMIEDEKALRETVRKLGVIDSERMDFELLPDDERQ
CVKCKTTCFMSAISCSCKPGLLVCLHHVKELCSCPPYKYKLRYRYTLDDLYPMMNALKLRAESYNEWALNVNEALEAKI
;
_entity_poly.pdbx_strand_id   A
#
loop_
_chem_comp.id
_chem_comp.type
_chem_comp.name
_chem_comp.formula
77J non-polymer N-hydroxy-3-[(6-oxo-4-phenyl-1,6-dihydropyrimidin-2-yl)sulfanyl]propanamide 'C13 H13 N3 O3 S'
DMS non-polymer 'DIMETHYL SULFOXIDE' 'C2 H6 O S'
EDO non-polymer 1,2-ETHANEDIOL 'C2 H6 O2'
MN non-polymer 'MANGANESE (II) ION' 'Mn 2'
ZN non-polymer 'ZINC ION' 'Zn 2'
#
# COMPACT_ATOMS: atom_id res chain seq x y z
N SER A 1 6.15 -26.19 -19.48
CA SER A 1 5.03 -27.05 -19.80
C SER A 1 4.07 -27.10 -18.62
N MET A 2 4.56 -27.53 -17.47
CA MET A 2 3.78 -27.38 -16.24
C MET A 2 3.73 -25.88 -15.91
N PHE A 3 4.87 -25.30 -15.54
CA PHE A 3 4.92 -23.86 -15.26
C PHE A 3 5.86 -23.14 -16.21
N LEU A 4 5.34 -22.12 -16.89
CA LEU A 4 6.18 -21.32 -17.75
C LEU A 4 6.45 -19.97 -17.08
N PRO A 5 7.68 -19.74 -16.62
CA PRO A 5 7.99 -18.47 -15.95
C PRO A 5 7.65 -17.25 -16.81
N PRO A 6 6.91 -16.30 -16.22
CA PRO A 6 6.67 -15.00 -16.86
C PRO A 6 7.98 -14.34 -17.29
N PRO A 7 7.92 -13.43 -18.26
CA PRO A 7 9.12 -12.67 -18.64
C PRO A 7 9.62 -11.84 -17.47
N GLU A 8 10.92 -11.59 -17.43
CA GLU A 8 11.52 -10.81 -16.36
C GLU A 8 11.07 -9.35 -16.39
N CYS A 9 10.86 -8.78 -15.20
CA CYS A 9 10.54 -7.36 -15.09
C CYS A 9 11.83 -6.55 -15.31
N PRO A 10 11.71 -5.23 -15.54
CA PRO A 10 12.91 -4.41 -15.74
C PRO A 10 13.80 -4.41 -14.51
N VAL A 11 15.11 -4.30 -14.73
CA VAL A 11 16.08 -4.21 -13.65
C VAL A 11 16.89 -2.95 -13.88
N PHE A 12 17.02 -2.11 -12.86
CA PHE A 12 17.77 -0.88 -13.02
C PHE A 12 19.01 -0.90 -12.15
N GLU A 13 20.10 -0.35 -12.67
CA GLU A 13 21.33 -0.25 -11.91
C GLU A 13 21.81 1.19 -11.91
N PRO A 14 21.15 2.04 -11.12
CA PRO A 14 21.48 3.48 -11.14
C PRO A 14 22.88 3.80 -10.62
N SER A 15 23.52 4.80 -11.23
CA SER A 15 24.77 5.36 -10.70
C SER A 15 24.48 6.01 -9.37
N TRP A 16 25.51 6.31 -8.59
CA TRP A 16 25.25 6.96 -7.32
C TRP A 16 24.51 8.29 -7.54
N GLU A 17 24.88 9.02 -8.59
CA GLU A 17 24.23 10.27 -8.92
C GLU A 17 22.72 10.07 -9.15
N GLU A 18 22.38 9.09 -9.99
CA GLU A 18 20.97 8.80 -10.31
C GLU A 18 20.21 8.30 -9.09
N PHE A 19 20.91 7.54 -8.26
CA PHE A 19 20.33 6.82 -7.13
C PHE A 19 20.00 7.73 -5.97
N ALA A 20 20.87 8.70 -5.74
CA ALA A 20 20.84 9.57 -4.57
C ALA A 20 19.42 10.04 -4.23
N ASP A 21 18.73 10.63 -5.19
CA ASP A 21 17.36 11.08 -4.98
C ASP A 21 16.35 10.03 -5.47
N PRO A 22 15.73 9.31 -4.52
CA PRO A 22 14.78 8.25 -4.88
C PRO A 22 13.59 8.78 -5.69
N PHE A 23 13.11 9.97 -5.36
CA PHE A 23 11.96 10.51 -6.08
C PHE A 23 12.28 10.87 -7.52
N ALA A 24 13.43 11.49 -7.76
CA ALA A 24 13.85 11.77 -9.13
C ALA A 24 14.04 10.48 -9.90
N PHE A 25 14.62 9.49 -9.25
CA PHE A 25 14.91 8.20 -9.90
C PHE A 25 13.63 7.50 -10.31
N ILE A 26 12.71 7.36 -9.37
CA ILE A 26 11.44 6.68 -9.63
C ILE A 26 10.69 7.38 -10.75
N HIS A 27 10.68 8.71 -10.71
CA HIS A 27 10.06 9.49 -11.78
C HIS A 27 10.71 9.18 -13.13
N LYS A 28 12.03 9.09 -13.14
CA LYS A 28 12.75 8.80 -14.38
C LYS A 28 12.38 7.43 -14.98
N ILE A 29 12.32 6.38 -14.15
CA ILE A 29 12.06 5.04 -14.66
C ILE A 29 10.57 4.76 -14.90
N ARG A 30 9.72 5.66 -14.41
CA ARG A 30 8.28 5.45 -14.47
C ARG A 30 7.71 5.11 -15.85
N PRO A 31 8.19 5.77 -16.92
CA PRO A 31 7.58 5.38 -18.21
C PRO A 31 7.83 3.92 -18.58
N ILE A 32 8.97 3.38 -18.15
CA ILE A 32 9.30 1.97 -18.40
C ILE A 32 8.57 1.06 -17.41
N ALA A 33 8.76 1.31 -16.12
CA ALA A 33 8.30 0.40 -15.09
C ALA A 33 6.77 0.40 -14.90
N GLU A 34 6.08 1.47 -15.27
CA GLU A 34 4.63 1.47 -15.10
C GLU A 34 3.98 0.56 -16.14
N GLN A 35 4.73 0.21 -17.20
CA GLN A 35 4.23 -0.76 -18.18
C GLN A 35 4.35 -2.21 -17.67
N THR A 36 5.15 -2.42 -16.63
CA THR A 36 5.37 -3.77 -16.12
C THR A 36 4.85 -3.94 -14.70
N GLY A 37 4.50 -2.85 -14.04
CA GLY A 37 3.91 -2.94 -12.72
C GLY A 37 4.93 -2.98 -11.60
N ILE A 38 5.90 -3.88 -11.72
CA ILE A 38 7.01 -3.91 -10.78
C ILE A 38 8.32 -3.74 -11.52
N CYS A 39 9.34 -3.33 -10.78
CA CYS A 39 10.69 -3.34 -11.33
C CYS A 39 11.65 -3.58 -10.18
N LYS A 40 12.88 -3.90 -10.50
CA LYS A 40 13.89 -4.18 -9.51
C LYS A 40 14.99 -3.13 -9.63
N VAL A 41 15.52 -2.70 -8.50
CA VAL A 41 16.55 -1.68 -8.48
C VAL A 41 17.75 -2.21 -7.72
N ARG A 42 18.92 -2.25 -8.37
CA ARG A 42 20.16 -2.62 -7.70
C ARG A 42 20.91 -1.36 -7.32
N PRO A 43 21.11 -1.14 -6.02
CA PRO A 43 21.82 0.07 -5.57
C PRO A 43 23.27 0.02 -6.03
N PRO A 44 23.91 1.20 -6.14
CA PRO A 44 25.35 1.29 -6.42
C PRO A 44 26.12 0.37 -5.49
N PRO A 45 27.22 -0.22 -5.98
CA PRO A 45 27.97 -1.31 -5.33
C PRO A 45 28.32 -1.04 -3.87
N ASP A 46 28.57 0.21 -3.55
CA ASP A 46 29.00 0.57 -2.19
C ASP A 46 27.89 1.18 -1.35
N TRP A 47 26.68 1.31 -1.90
CA TRP A 47 25.54 1.61 -1.03
C TRP A 47 25.29 0.33 -0.25
N GLN A 48 25.72 0.31 1.01
CA GLN A 48 25.67 -0.93 1.77
C GLN A 48 25.32 -0.64 3.22
N PRO A 49 24.01 -0.57 3.51
CA PRO A 49 23.59 -0.27 4.88
C PRO A 49 23.98 -1.40 5.83
N PRO A 50 24.24 -1.06 7.09
CA PRO A 50 24.68 -2.09 8.04
C PRO A 50 23.54 -2.94 8.53
N PHE A 51 23.64 -4.27 8.36
N PHE A 51 23.65 -4.26 8.35
CA PHE A 51 22.66 -5.18 8.94
CA PHE A 51 22.68 -5.18 8.93
C PHE A 51 23.32 -5.90 10.12
C PHE A 51 23.33 -5.90 10.12
N ALA A 52 22.82 -5.63 11.32
CA ALA A 52 23.37 -6.24 12.52
C ALA A 52 22.27 -6.53 13.52
N CYS A 53 22.15 -7.79 13.92
CA CYS A 53 21.16 -8.12 14.93
C CYS A 53 21.54 -9.32 15.77
N ASP A 54 21.05 -9.33 16.99
CA ASP A 54 21.14 -10.49 17.87
C ASP A 54 19.93 -11.37 17.59
N VAL A 55 20.15 -12.48 16.91
CA VAL A 55 19.05 -13.35 16.52
C VAL A 55 18.37 -13.99 17.72
N ASP A 56 19.02 -13.97 18.88
CA ASP A 56 18.42 -14.52 20.09
C ASP A 56 17.50 -13.52 20.81
N LYS A 57 17.63 -12.22 20.52
CA LYS A 57 16.82 -11.24 21.23
C LYS A 57 15.66 -10.70 20.42
N LEU A 58 15.69 -10.89 19.11
CA LEU A 58 14.56 -10.51 18.28
C LEU A 58 13.49 -11.60 18.34
N HIS A 59 12.30 -11.24 18.77
CA HIS A 59 11.15 -12.14 18.99
CA HIS A 59 11.24 -12.23 18.76
C HIS A 59 9.96 -11.67 18.14
N PHE A 60 9.11 -12.59 17.69
CA PHE A 60 7.88 -12.20 17.03
C PHE A 60 6.88 -13.33 17.08
N THR A 61 5.61 -12.99 16.88
CA THR A 61 4.53 -13.99 16.86
C THR A 61 4.35 -14.49 15.43
N PRO A 62 4.50 -15.80 15.22
CA PRO A 62 4.39 -16.31 13.86
C PRO A 62 2.95 -16.36 13.37
N ARG A 63 2.73 -16.07 12.11
CA ARG A 63 1.43 -16.27 11.49
C ARG A 63 1.50 -17.56 10.69
N ILE A 64 0.37 -18.25 10.58
CA ILE A 64 0.34 -19.53 9.88
C ILE A 64 -0.34 -19.38 8.53
N GLN A 65 0.13 -20.12 7.55
CA GLN A 65 -0.39 -19.99 6.21
C GLN A 65 -0.57 -21.34 5.53
N ARG A 66 -1.79 -21.65 5.09
CA ARG A 66 -2.01 -22.78 4.20
C ARG A 66 -1.71 -22.34 2.77
N LEU A 67 -1.25 -23.28 1.94
CA LEU A 67 -0.86 -22.93 0.58
C LEU A 67 -1.70 -23.64 -0.49
N ASN A 68 -2.91 -23.14 -0.71
CA ASN A 68 -3.81 -23.68 -1.73
C ASN A 68 -4.26 -22.60 -2.70
N GLU A 69 -4.02 -22.81 -4.00
CA GLU A 69 -4.45 -21.87 -5.02
C GLU A 69 -5.95 -21.60 -4.92
N LEU A 70 -6.34 -20.34 -5.11
CA LEU A 70 -7.74 -19.88 -5.14
C LEU A 70 -8.44 -19.94 -3.78
N GLU A 71 -7.78 -20.45 -2.75
CA GLU A 71 -8.34 -20.47 -1.42
C GLU A 71 -8.28 -19.06 -0.80
N ALA A 72 -9.34 -18.65 -0.12
CA ALA A 72 -9.40 -17.33 0.50
C ALA A 72 -8.42 -17.19 1.66
N GLN A 73 -7.67 -16.09 1.67
CA GLN A 73 -6.84 -15.72 2.81
C GLN A 73 -7.21 -14.29 3.19
N THR A 74 -6.97 -13.94 4.45
CA THR A 74 -7.31 -12.61 4.93
C THR A 74 -6.06 -11.74 5.01
N ARG A 75 -6.17 -10.50 4.53
CA ARG A 75 -5.08 -9.54 4.63
C ARG A 75 -4.71 -9.32 6.08
N VAL A 76 -3.43 -9.20 6.33
CA VAL A 76 -2.90 -9.21 7.66
C VAL A 76 -3.25 -7.93 8.43
N LYS A 77 -3.38 -8.04 9.75
CA LYS A 77 -3.65 -6.89 10.61
C LYS A 77 -2.48 -6.64 11.55
N LEU A 78 -2.21 -5.37 11.86
CA LEU A 78 -1.13 -5.03 12.79
C LEU A 78 -1.49 -5.39 14.22
N ARG A 84 1.90 -17.67 20.56
CA ARG A 84 3.13 -18.36 20.17
C ARG A 84 4.25 -17.37 19.91
N ASP A 85 5.48 -17.85 19.87
CA ASP A 85 6.62 -16.96 19.74
C ASP A 85 7.87 -17.67 19.24
N TYR A 86 8.49 -17.10 18.22
CA TYR A 86 9.81 -17.52 17.79
C TYR A 86 10.83 -16.43 18.10
N THR A 87 12.08 -16.79 18.41
CA THR A 87 13.14 -15.80 18.21
C THR A 87 13.53 -15.87 16.74
N LEU A 88 14.28 -14.89 16.26
CA LEU A 88 14.71 -14.95 14.87
C LEU A 88 15.57 -16.20 14.67
N ARG A 89 16.30 -16.61 15.70
CA ARG A 89 17.11 -17.82 15.58
C ARG A 89 16.28 -19.09 15.46
N THR A 90 15.31 -19.28 16.37
CA THR A 90 14.51 -20.50 16.32
C THR A 90 13.59 -20.51 15.10
N PHE A 91 13.16 -19.35 14.62
CA PHE A 91 12.39 -19.34 13.37
C PHE A 91 13.31 -19.78 12.24
N GLY A 92 14.53 -19.25 12.24
CA GLY A 92 15.51 -19.59 11.21
C GLY A 92 15.84 -21.08 11.20
N GLU A 93 16.01 -21.67 12.38
CA GLU A 93 16.31 -23.09 12.45
C GLU A 93 15.14 -23.92 11.91
N MET A 94 13.92 -23.53 12.26
CA MET A 94 12.72 -24.19 11.76
C MET A 94 12.65 -24.07 10.24
N ALA A 95 12.88 -22.85 9.76
CA ALA A 95 12.76 -22.57 8.32
C ALA A 95 13.77 -23.37 7.50
N ASP A 96 15.02 -23.39 7.96
CA ASP A 96 16.10 -24.07 7.24
C ASP A 96 15.88 -25.59 7.22
N ALA A 97 15.47 -26.13 8.37
CA ALA A 97 15.17 -27.55 8.49
C ALA A 97 13.97 -27.92 7.60
N PHE A 98 12.96 -27.04 7.55
CA PHE A 98 11.81 -27.30 6.71
C PHE A 98 12.22 -27.45 5.26
N LYS A 99 13.02 -26.52 4.78
CA LYS A 99 13.41 -26.51 3.37
C LYS A 99 14.32 -27.67 3.07
N SER A 100 15.28 -27.89 3.97
CA SER A 100 16.25 -28.96 3.83
C SER A 100 15.54 -30.31 3.77
N ASP A 101 14.55 -30.50 4.65
CA ASP A 101 13.80 -31.76 4.72
C ASP A 101 12.87 -31.93 3.55
N TYR A 102 12.30 -30.82 3.08
CA TYR A 102 11.36 -30.85 1.96
C TYR A 102 12.02 -31.34 0.69
N PHE A 103 13.26 -30.94 0.48
CA PHE A 103 13.94 -31.26 -0.76
C PHE A 103 15.02 -32.34 -0.60
N ASN A 104 15.32 -32.67 0.66
CA ASN A 104 16.47 -33.51 1.00
C ASN A 104 17.75 -33.00 0.34
N MET A 105 17.91 -31.68 0.38
CA MET A 105 19.11 -31.04 -0.15
C MET A 105 19.61 -30.00 0.85
N PRO A 106 20.92 -29.69 0.83
CA PRO A 106 21.43 -28.63 1.72
C PRO A 106 20.61 -27.36 1.54
N VAL A 107 20.33 -26.70 2.66
CA VAL A 107 19.26 -25.70 2.70
C VAL A 107 19.49 -24.58 1.71
N HIS A 108 20.74 -24.22 1.45
CA HIS A 108 21.02 -23.18 0.47
C HIS A 108 21.49 -23.67 -0.89
N MET A 109 21.16 -24.90 -1.26
CA MET A 109 21.60 -25.46 -2.55
C MET A 109 20.46 -25.89 -3.48
N VAL A 110 19.22 -25.53 -3.16
CA VAL A 110 18.08 -25.78 -4.06
C VAL A 110 17.91 -24.66 -5.09
N PRO A 111 17.89 -25.00 -6.38
CA PRO A 111 17.74 -24.01 -7.46
C PRO A 111 16.47 -23.17 -7.35
N THR A 112 16.56 -21.87 -7.64
CA THR A 112 15.40 -20.99 -7.50
C THR A 112 14.30 -21.41 -8.47
N GLU A 113 14.71 -21.87 -9.65
CA GLU A 113 13.76 -22.30 -10.67
C GLU A 113 12.93 -23.49 -10.16
N LEU A 114 13.57 -24.35 -9.39
CA LEU A 114 12.93 -25.56 -8.88
C LEU A 114 11.95 -25.22 -7.77
N VAL A 115 12.37 -24.36 -6.84
CA VAL A 115 11.46 -23.91 -5.77
C VAL A 115 10.20 -23.29 -6.36
N GLU A 116 10.36 -22.46 -7.40
CA GLU A 116 9.24 -21.82 -8.08
C GLU A 116 8.29 -22.81 -8.74
N LYS A 117 8.88 -23.71 -9.52
CA LYS A 117 8.15 -24.81 -10.15
C LYS A 117 7.37 -25.61 -9.10
N GLU A 118 8.02 -25.91 -7.99
CA GLU A 118 7.43 -26.73 -6.95
C GLU A 118 6.35 -25.97 -6.19
N PHE A 119 6.57 -24.69 -5.97
CA PHE A 119 5.52 -23.88 -5.35
C PHE A 119 4.24 -23.97 -6.16
N TRP A 120 4.33 -23.77 -7.46
CA TRP A 120 3.09 -23.78 -8.25
C TRP A 120 2.49 -25.19 -8.36
N ARG A 121 3.31 -26.23 -8.23
CA ARG A 121 2.77 -27.59 -8.13
C ARG A 121 2.00 -27.78 -6.83
N LEU A 122 2.63 -27.48 -5.69
CA LEU A 122 2.00 -27.81 -4.41
C LEU A 122 0.73 -27.01 -4.12
N VAL A 123 0.64 -25.77 -4.58
CA VAL A 123 -0.53 -24.96 -4.28
C VAL A 123 -1.72 -25.44 -5.11
N SER A 124 -1.46 -26.13 -6.21
CA SER A 124 -2.54 -26.52 -7.12
C SER A 124 -3.00 -27.96 -6.87
N THR A 125 -2.20 -28.71 -6.11
CA THR A 125 -2.48 -30.11 -5.81
C THR A 125 -3.29 -30.26 -4.54
N ILE A 126 -4.51 -30.78 -4.67
CA ILE A 126 -5.42 -30.89 -3.53
C ILE A 126 -4.88 -31.84 -2.46
N GLU A 127 -4.22 -32.90 -2.92
CA GLU A 127 -3.63 -33.90 -2.03
C GLU A 127 -2.62 -33.27 -1.06
N GLU A 128 -1.79 -32.37 -1.58
CA GLU A 128 -0.78 -31.70 -0.78
C GLU A 128 -1.40 -30.72 0.21
N ASP A 129 -1.02 -30.87 1.49
CA ASP A 129 -1.49 -30.01 2.57
C ASP A 129 -0.31 -29.33 3.29
N VAL A 130 0.38 -28.45 2.58
CA VAL A 130 1.57 -27.78 3.12
C VAL A 130 1.18 -26.49 3.85
N THR A 131 1.61 -26.36 5.10
CA THR A 131 1.44 -25.09 5.80
C THR A 131 2.81 -24.57 6.22
N VAL A 132 2.95 -23.25 6.18
CA VAL A 132 4.22 -22.64 6.55
C VAL A 132 3.93 -21.49 7.52
N GLU A 133 4.99 -20.89 8.06
CA GLU A 133 4.82 -19.78 8.99
C GLU A 133 5.65 -18.58 8.54
N TYR A 134 5.31 -17.40 9.04
CA TYR A 134 6.07 -16.20 8.70
C TYR A 134 5.82 -15.11 9.71
N GLY A 135 6.63 -14.06 9.62
CA GLY A 135 6.45 -12.89 10.46
C GLY A 135 6.00 -11.71 9.62
N ALA A 136 5.06 -10.95 10.14
CA ALA A 136 4.63 -9.71 9.50
C ALA A 136 4.12 -8.74 10.53
N ASP A 137 4.79 -7.59 10.64
CA ASP A 137 4.32 -6.52 11.50
C ASP A 137 5.14 -5.26 11.35
N ILE A 138 4.67 -4.17 11.94
CA ILE A 138 5.45 -2.94 11.92
C ILE A 138 6.53 -3.06 12.99
N ALA A 139 7.53 -2.17 12.92
CA ALA A 139 8.61 -2.16 13.92
C ALA A 139 8.07 -2.02 15.34
N SER A 140 8.73 -2.70 16.28
CA SER A 140 8.39 -2.59 17.70
C SER A 140 9.69 -2.74 18.50
N LYS A 141 9.62 -2.51 19.81
CA LYS A 141 10.78 -2.69 20.67
C LYS A 141 11.27 -4.15 20.65
N GLU A 142 10.38 -5.09 20.39
CA GLU A 142 10.73 -6.52 20.35
C GLU A 142 11.41 -6.94 19.04
N PHE A 143 11.19 -6.14 17.99
CA PHE A 143 11.73 -6.41 16.67
C PHE A 143 11.71 -5.11 15.88
N GLY A 144 12.85 -4.42 15.80
CA GLY A 144 12.90 -3.11 15.20
C GLY A 144 13.22 -3.11 13.72
N SER A 145 13.21 -1.93 13.11
CA SER A 145 13.56 -1.75 11.71
C SER A 145 14.93 -2.36 11.37
N GLY A 146 15.06 -2.86 10.15
CA GLY A 146 16.35 -3.31 9.69
C GLY A 146 17.27 -2.16 9.29
N PHE A 147 16.71 -0.95 9.13
CA PHE A 147 17.52 0.22 8.81
C PHE A 147 17.85 0.98 10.11
N PRO A 148 18.92 1.80 10.10
CA PRO A 148 19.27 2.57 11.30
C PRO A 148 18.19 3.58 11.66
N VAL A 149 17.88 3.70 12.95
CA VAL A 149 16.97 4.72 13.44
C VAL A 149 17.61 5.43 14.62
N ARG A 150 17.27 6.68 14.85
CA ARG A 150 17.88 7.45 15.92
C ARG A 150 17.44 7.00 17.31
N ASP A 151 18.40 6.91 18.22
CA ASP A 151 18.15 6.62 19.63
C ASP A 151 19.46 6.82 20.41
N ILE A 154 20.90 4.47 22.13
CA ILE A 154 22.23 3.87 22.07
C ILE A 154 23.15 4.74 21.20
N LYS A 155 24.46 4.50 21.34
CA LYS A 155 25.42 5.14 20.46
C LYS A 155 25.49 4.40 19.13
N LEU A 156 25.15 5.10 18.05
CA LEU A 156 25.19 4.54 16.71
C LEU A 156 26.61 4.57 16.17
N SER A 157 26.98 3.55 15.41
CA SER A 157 28.26 3.52 14.72
C SER A 157 28.27 4.56 13.60
N PRO A 158 29.46 4.96 13.14
CA PRO A 158 29.51 5.87 11.98
C PRO A 158 28.83 5.25 10.74
N GLU A 159 28.94 3.94 10.56
CA GLU A 159 28.29 3.25 9.44
C GLU A 159 26.77 3.42 9.49
N GLU A 160 26.21 3.25 10.68
CA GLU A 160 24.78 3.49 10.93
C GLU A 160 24.41 4.95 10.70
N GLU A 161 25.27 5.86 11.17
CA GLU A 161 25.02 7.29 11.02
C GLU A 161 24.88 7.68 9.55
N GLU A 162 25.74 7.13 8.71
CA GLU A 162 25.73 7.40 7.27
C GLU A 162 24.37 7.13 6.62
N TYR A 163 23.66 6.12 7.10
CA TYR A 163 22.45 5.68 6.44
C TYR A 163 21.20 6.15 7.17
N LEU A 164 21.39 6.92 8.23
CA LEU A 164 20.27 7.42 9.02
C LEU A 164 19.31 8.27 8.20
N ASP A 165 19.86 9.02 7.26
CA ASP A 165 19.08 10.00 6.53
C ASP A 165 19.05 9.69 5.04
N SER A 166 19.38 8.45 4.68
CA SER A 166 19.28 8.03 3.30
C SER A 166 17.86 8.15 2.81
N GLY A 167 17.69 8.56 1.55
CA GLY A 167 16.38 8.56 0.94
C GLY A 167 15.86 7.12 0.80
N TRP A 168 16.77 6.16 0.75
CA TRP A 168 16.38 4.76 0.59
C TRP A 168 16.30 4.02 1.92
N ASN A 169 16.54 4.73 3.03
CA ASN A 169 16.22 4.21 4.34
C ASN A 169 14.71 4.30 4.46
N LEU A 170 14.02 3.16 4.49
CA LEU A 170 12.57 3.17 4.34
C LEU A 170 11.80 3.91 5.45
N ASN A 171 12.42 4.09 6.62
CA ASN A 171 11.80 4.91 7.64
C ASN A 171 11.67 6.38 7.24
N ASN A 172 12.61 6.84 6.43
CA ASN A 172 12.63 8.23 5.99
C ASN A 172 11.69 8.52 4.85
N MET A 173 11.48 7.50 4.01
CA MET A 173 10.70 7.66 2.79
C MET A 173 9.38 8.42 2.99
N PRO A 174 8.58 8.03 3.99
CA PRO A 174 7.29 8.74 4.11
C PRO A 174 7.44 10.24 4.40
N VAL A 175 8.47 10.63 5.15
CA VAL A 175 8.54 11.98 5.69
C VAL A 175 9.40 12.91 4.84
N MET A 176 9.84 12.45 3.68
CA MET A 176 10.65 13.30 2.82
C MET A 176 9.80 14.37 2.13
N GLU A 177 10.47 15.37 1.54
CA GLU A 177 9.80 16.57 1.07
C GLU A 177 8.92 16.32 -0.15
N GLN A 178 9.37 15.46 -1.06
CA GLN A 178 8.58 15.13 -2.24
C GLN A 178 7.58 14.01 -1.99
N SER A 179 7.52 13.51 -0.76
CA SER A 179 6.45 12.60 -0.40
C SER A 179 5.20 13.41 -0.07
N VAL A 180 4.04 12.87 -0.45
CA VAL A 180 2.79 13.60 -0.31
C VAL A 180 2.07 13.15 0.96
N LEU A 181 2.16 11.85 1.23
CA LEU A 181 1.62 11.22 2.44
C LEU A 181 2.30 11.72 3.70
N ALA A 182 3.22 12.66 3.53
CA ALA A 182 4.09 13.11 4.60
C ALA A 182 3.33 13.65 5.80
N HIS A 183 2.56 14.70 5.57
CA HIS A 183 1.94 15.42 6.68
C HIS A 183 0.46 15.11 6.81
N ILE A 184 0.05 13.92 6.37
CA ILE A 184 -1.18 13.35 6.90
C ILE A 184 -1.03 13.32 8.41
N THR A 185 -1.93 13.99 9.11
CA THR A 185 -1.86 14.07 10.56
C THR A 185 -2.68 12.95 11.17
N ALA A 186 -3.47 12.27 10.33
CA ALA A 186 -4.27 11.14 10.77
C ALA A 186 -3.42 9.95 11.18
N ASP A 187 -3.97 9.11 12.05
CA ASP A 187 -3.32 7.86 12.42
C ASP A 187 -3.51 6.85 11.30
N ILE A 188 -2.45 6.62 10.55
CA ILE A 188 -2.45 5.63 9.48
C ILE A 188 -1.19 4.76 9.58
N CYS A 189 -0.89 4.35 10.81
CA CYS A 189 0.32 3.61 11.13
C CYS A 189 0.55 2.41 10.21
N GLY A 190 -0.50 1.61 10.01
CA GLY A 190 -0.43 0.46 9.12
C GLY A 190 0.00 0.80 7.70
N MET A 191 -0.14 2.07 7.33
CA MET A 191 0.18 2.51 5.97
C MET A 191 1.45 3.35 5.84
N LYS A 192 1.73 4.23 6.80
CA LYS A 192 2.86 5.14 6.70
C LYS A 192 4.18 4.56 7.29
N LEU A 193 4.03 3.60 8.19
CA LEU A 193 5.19 2.98 8.82
C LEU A 193 5.58 1.74 8.04
N PRO A 194 6.89 1.43 7.99
CA PRO A 194 7.31 0.23 7.27
C PRO A 194 6.88 -1.04 7.96
N TRP A 195 6.65 -2.08 7.17
CA TRP A 195 6.35 -3.42 7.66
C TRP A 195 7.61 -4.28 7.59
N LEU A 196 7.77 -5.14 8.58
CA LEU A 196 8.87 -6.09 8.61
C LEU A 196 8.36 -7.50 8.33
N TYR A 197 8.99 -8.18 7.38
CA TYR A 197 8.55 -9.52 6.97
C TYR A 197 9.67 -10.53 7.15
N VAL A 198 9.39 -11.58 7.92
CA VAL A 198 10.33 -12.68 8.06
C VAL A 198 9.78 -13.89 7.30
N GLY A 199 10.46 -14.26 6.22
CA GLY A 199 9.94 -15.31 5.34
C GLY A 199 10.61 -16.67 5.50
N MET A 200 9.96 -17.71 4.99
CA MET A 200 10.59 -19.04 4.89
C MET A 200 10.17 -19.62 3.54
N CYS A 201 10.80 -20.72 3.14
CA CYS A 201 10.50 -21.38 1.87
C CYS A 201 8.99 -21.55 1.69
N PHE A 202 8.48 -21.02 0.58
CA PHE A 202 7.07 -21.05 0.18
C PHE A 202 6.14 -20.06 0.91
N SER A 203 6.60 -19.40 1.97
CA SER A 203 5.70 -18.43 2.62
C SER A 203 5.38 -17.35 1.58
N SER A 204 4.15 -16.86 1.57
CA SER A 204 3.68 -16.24 0.36
C SER A 204 2.80 -15.02 0.62
N PHE A 205 2.85 -14.03 -0.26
CA PHE A 205 1.89 -12.94 -0.17
C PHE A 205 0.95 -13.02 -1.37
N CYS A 206 -0.35 -12.99 -1.08
CA CYS A 206 -1.38 -13.12 -2.10
C CYS A 206 -1.47 -11.91 -2.98
N TRP A 207 -2.10 -12.08 -4.14
CA TRP A 207 -2.33 -11.00 -5.09
C TRP A 207 -3.07 -9.84 -4.43
N HIS A 208 -2.51 -8.65 -4.58
CA HIS A 208 -3.15 -7.44 -4.04
C HIS A 208 -2.56 -6.21 -4.69
N ILE A 209 -3.23 -5.08 -4.53
CA ILE A 209 -2.66 -3.76 -4.78
C ILE A 209 -2.61 -2.98 -3.47
N GLU A 210 -1.90 -1.87 -3.44
CA GLU A 210 -1.73 -1.15 -2.20
C GLU A 210 -2.96 -0.30 -1.91
N ASP A 211 -3.22 -0.05 -0.62
CA ASP A 211 -4.29 0.85 -0.22
C ASP A 211 -4.11 2.21 -0.90
N HIS A 212 -5.23 2.79 -1.33
CA HIS A 212 -5.25 4.06 -2.07
C HIS A 212 -4.36 4.05 -3.32
N TRP A 213 -4.10 2.86 -3.86
CA TRP A 213 -3.27 2.71 -5.05
C TRP A 213 -1.90 3.38 -4.90
N SER A 214 -1.36 3.37 -3.69
CA SER A 214 -0.02 3.94 -3.51
C SER A 214 1.05 3.06 -4.17
N TYR A 215 2.25 3.62 -4.29
CA TYR A 215 3.45 2.83 -4.55
C TYR A 215 3.80 1.98 -3.34
N SER A 216 4.61 0.93 -3.53
CA SER A 216 5.34 0.39 -2.39
C SER A 216 6.80 0.21 -2.82
N ILE A 217 7.69 0.36 -1.85
CA ILE A 217 9.09 0.11 -2.08
C ILE A 217 9.51 -0.93 -1.05
N ASN A 218 10.26 -1.90 -1.52
CA ASN A 218 10.48 -3.13 -0.79
C ASN A 218 11.95 -3.51 -0.82
N TYR A 219 12.52 -3.72 0.34
CA TYR A 219 13.96 -4.00 0.43
C TYR A 219 14.19 -5.35 1.09
N LEU A 220 15.09 -6.15 0.52
CA LEU A 220 15.44 -7.43 1.16
C LEU A 220 16.76 -7.26 1.92
N HIS A 221 16.71 -7.24 3.25
CA HIS A 221 17.88 -6.97 4.08
C HIS A 221 18.90 -8.11 3.97
N TRP A 222 18.42 -9.35 4.12
CA TRP A 222 19.28 -10.52 3.99
C TRP A 222 18.47 -11.79 3.78
N GLY A 223 19.18 -12.83 3.35
CA GLY A 223 18.59 -14.15 3.24
C GLY A 223 18.42 -14.59 1.81
N GLU A 224 17.69 -15.68 1.64
CA GLU A 224 17.42 -16.23 0.32
C GLU A 224 16.43 -15.34 -0.45
N PRO A 225 16.40 -15.46 -1.79
CA PRO A 225 15.62 -14.51 -2.58
C PRO A 225 14.11 -14.54 -2.35
N LYS A 226 13.47 -13.43 -2.73
CA LYS A 226 12.01 -13.31 -2.74
C LYS A 226 11.58 -13.29 -4.19
N THR A 227 10.70 -14.21 -4.57
CA THR A 227 10.22 -14.28 -5.93
C THR A 227 8.92 -13.49 -6.09
N TRP A 228 8.88 -12.60 -7.08
CA TRP A 228 7.75 -11.69 -7.30
C TRP A 228 7.04 -11.93 -8.62
N TYR A 229 5.73 -11.68 -8.63
CA TYR A 229 4.99 -11.50 -9.86
C TYR A 229 4.30 -10.16 -9.81
N GLY A 230 4.26 -9.47 -10.95
CA GLY A 230 3.67 -8.15 -11.04
C GLY A 230 2.91 -7.94 -12.34
N VAL A 231 1.86 -7.13 -12.25
CA VAL A 231 0.98 -6.80 -13.35
C VAL A 231 0.87 -5.28 -13.45
N PRO A 232 1.01 -4.71 -14.65
CA PRO A 232 0.94 -3.25 -14.77
C PRO A 232 -0.42 -2.69 -14.36
N GLY A 233 -0.43 -1.46 -13.85
CA GLY A 233 -1.65 -0.82 -13.41
C GLY A 233 -2.77 -0.81 -14.45
N TYR A 234 -2.41 -0.70 -15.73
CA TYR A 234 -3.43 -0.59 -16.76
C TYR A 234 -4.24 -1.88 -16.91
N ALA A 235 -3.75 -2.97 -16.36
CA ALA A 235 -4.44 -4.25 -16.50
C ALA A 235 -5.09 -4.70 -15.20
N ALA A 236 -5.21 -3.80 -14.22
CA ALA A 236 -5.79 -4.16 -12.93
C ALA A 236 -7.19 -4.77 -13.04
N GLU A 237 -8.05 -4.15 -13.84
CA GLU A 237 -9.44 -4.63 -13.92
C GLU A 237 -9.51 -5.92 -14.72
N GLN A 238 -8.66 -6.08 -15.72
CA GLN A 238 -8.57 -7.36 -16.43
C GLN A 238 -8.26 -8.47 -15.45
N LEU A 239 -7.30 -8.23 -14.54
CA LEU A 239 -6.92 -9.26 -13.60
C LEU A 239 -8.09 -9.57 -12.67
N GLU A 240 -8.77 -8.53 -12.22
CA GLU A 240 -9.87 -8.71 -11.29
C GLU A 240 -11.00 -9.52 -11.93
N ASN A 241 -11.26 -9.26 -13.21
CA ASN A 241 -12.27 -10.03 -13.91
C ASN A 241 -11.91 -11.51 -14.00
N VAL A 242 -10.63 -11.81 -14.23
CA VAL A 242 -10.17 -13.20 -14.30
C VAL A 242 -10.37 -13.89 -12.95
N MET A 243 -10.00 -13.19 -11.88
CA MET A 243 -10.09 -13.74 -10.55
C MET A 243 -11.55 -13.90 -10.11
N LYS A 244 -12.37 -12.93 -10.47
CA LYS A 244 -13.79 -12.97 -10.13
C LYS A 244 -14.46 -14.18 -10.78
N LYS A 245 -14.07 -14.47 -12.03
CA LYS A 245 -14.57 -15.65 -12.71
C LYS A 245 -14.19 -16.95 -11.98
N LEU A 246 -12.94 -17.03 -11.52
CA LEU A 246 -12.44 -18.26 -10.92
C LEU A 246 -12.64 -18.38 -9.41
N ALA A 247 -12.75 -17.24 -8.72
CA ALA A 247 -12.91 -17.25 -7.27
C ALA A 247 -13.87 -16.17 -6.80
N PRO A 248 -15.16 -16.27 -7.20
CA PRO A 248 -16.17 -15.24 -6.93
C PRO A 248 -16.35 -14.93 -5.44
N GLU A 249 -16.10 -15.91 -4.57
CA GLU A 249 -16.25 -15.74 -3.13
C GLU A 249 -15.31 -14.66 -2.59
N LEU A 250 -14.23 -14.37 -3.30
CA LEU A 250 -13.29 -13.33 -2.85
C LEU A 250 -13.83 -11.94 -3.08
N PHE A 251 -14.90 -11.85 -3.86
CA PHE A 251 -15.39 -10.56 -4.29
C PHE A 251 -16.71 -10.17 -3.62
N VAL A 252 -17.13 -10.98 -2.66
CA VAL A 252 -18.30 -10.65 -1.87
C VAL A 252 -18.01 -9.42 -1.01
N SER A 253 -19.05 -8.67 -0.68
CA SER A 253 -18.92 -7.44 0.09
C SER A 253 -18.24 -7.71 1.45
N GLN A 254 -17.21 -6.91 1.76
CA GLN A 254 -16.47 -7.10 2.99
C GLN A 254 -16.96 -6.16 4.08
N PRO A 255 -17.17 -6.69 5.30
CA PRO A 255 -17.72 -5.92 6.43
C PRO A 255 -16.83 -4.77 6.87
N ASP A 256 -15.51 -4.96 6.74
CA ASP A 256 -14.53 -3.95 7.12
C ASP A 256 -13.18 -4.26 6.50
N LEU A 257 -12.17 -3.47 6.84
CA LEU A 257 -10.83 -3.63 6.28
C LEU A 257 -10.04 -4.76 6.93
N LEU A 258 -10.60 -5.37 7.96
CA LEU A 258 -9.98 -6.51 8.61
C LEU A 258 -10.49 -7.82 8.03
N HIS A 259 -11.36 -7.70 7.02
CA HIS A 259 -11.91 -8.89 6.37
C HIS A 259 -11.77 -8.80 4.86
N GLN A 260 -10.64 -8.28 4.40
CA GLN A 260 -10.35 -8.27 2.97
C GLN A 260 -9.79 -9.62 2.54
N LEU A 261 -10.39 -10.21 1.51
CA LEU A 261 -10.00 -11.55 1.06
C LEU A 261 -9.05 -11.48 -0.13
N VAL A 262 -7.99 -12.28 -0.06
CA VAL A 262 -6.99 -12.32 -1.12
C VAL A 262 -6.60 -13.78 -1.39
N THR A 263 -5.99 -14.06 -2.53
CA THR A 263 -5.64 -15.44 -2.85
C THR A 263 -4.36 -15.62 -3.67
N ILE A 264 -3.89 -16.87 -3.63
CA ILE A 264 -2.81 -17.35 -4.47
C ILE A 264 -3.40 -17.72 -5.81
N MET A 265 -2.75 -17.30 -6.90
CA MET A 265 -3.19 -17.69 -8.23
C MET A 265 -2.02 -17.72 -9.20
N ASN A 266 -1.93 -18.84 -9.93
CA ASN A 266 -0.87 -19.07 -10.90
C ASN A 266 -0.81 -17.97 -11.94
N PRO A 267 0.36 -17.34 -12.11
CA PRO A 267 0.45 -16.30 -13.14
C PRO A 267 0.18 -16.82 -14.54
N ASN A 268 0.40 -18.11 -14.80
CA ASN A 268 0.13 -18.67 -16.13
C ASN A 268 -1.35 -18.58 -16.45
N THR A 269 -2.16 -18.68 -15.40
CA THR A 269 -3.60 -18.55 -15.54
C THR A 269 -3.94 -17.14 -16.01
N LEU A 270 -3.29 -16.13 -15.44
CA LEU A 270 -3.50 -14.77 -15.92
C LEU A 270 -2.98 -14.59 -17.35
N MET A 271 -1.80 -15.15 -17.63
CA MET A 271 -1.20 -15.01 -18.95
C MET A 271 -2.07 -15.69 -20.00
N THR A 272 -2.69 -16.80 -19.62
CA THR A 272 -3.63 -17.48 -20.52
C THR A 272 -4.77 -16.56 -20.88
N HIS A 273 -5.19 -15.72 -19.92
CA HIS A 273 -6.30 -14.82 -20.17
C HIS A 273 -5.84 -13.43 -20.61
N GLU A 274 -4.66 -13.38 -21.24
CA GLU A 274 -4.13 -12.16 -21.83
C GLU A 274 -3.82 -11.03 -20.84
N VAL A 275 -3.66 -11.37 -19.57
CA VAL A 275 -3.16 -10.40 -18.59
C VAL A 275 -1.63 -10.44 -18.58
N PRO A 276 -0.98 -9.31 -18.88
CA PRO A 276 0.49 -9.29 -18.85
C PRO A 276 1.03 -9.46 -17.44
N VAL A 277 1.97 -10.40 -17.27
CA VAL A 277 2.57 -10.65 -15.96
C VAL A 277 4.09 -10.67 -16.07
N TYR A 278 4.77 -10.05 -15.12
CA TYR A 278 6.24 -10.09 -15.08
C TYR A 278 6.74 -10.71 -13.77
N ARG A 279 7.95 -11.25 -13.79
CA ARG A 279 8.53 -11.86 -12.60
C ARG A 279 9.90 -11.26 -12.28
N THR A 280 10.35 -11.49 -11.05
CA THR A 280 11.74 -11.29 -10.71
C THR A 280 12.08 -12.08 -9.47
N ASN A 281 13.37 -12.42 -9.33
CA ASN A 281 13.89 -12.86 -8.05
C ASN A 281 14.62 -11.70 -7.39
N GLN A 282 14.08 -11.23 -6.28
CA GLN A 282 14.74 -10.17 -5.52
C GLN A 282 15.75 -10.80 -4.57
N CYS A 283 17.01 -10.43 -4.72
CA CYS A 283 18.04 -10.93 -3.82
C CYS A 283 18.41 -9.92 -2.74
N ALA A 284 19.09 -10.39 -1.69
CA ALA A 284 19.50 -9.55 -0.58
C ALA A 284 20.22 -8.31 -1.10
N GLY A 285 19.86 -7.14 -0.56
CA GLY A 285 20.44 -5.88 -0.97
C GLY A 285 19.77 -5.22 -2.16
N GLU A 286 18.68 -5.79 -2.66
CA GLU A 286 17.99 -5.22 -3.81
C GLU A 286 16.61 -4.68 -3.42
N PHE A 287 16.16 -3.69 -4.18
CA PHE A 287 14.82 -3.13 -4.01
C PHE A 287 13.87 -3.63 -5.07
N VAL A 288 12.60 -3.81 -4.70
CA VAL A 288 11.55 -3.94 -5.69
C VAL A 288 10.57 -2.77 -5.47
N ILE A 289 10.12 -2.16 -6.55
CA ILE A 289 9.14 -1.07 -6.47
C ILE A 289 7.87 -1.52 -7.18
N THR A 290 6.72 -1.33 -6.53
CA THR A 290 5.44 -1.55 -7.19
C THR A 290 4.79 -0.20 -7.48
N PHE A 291 4.15 -0.10 -8.63
CA PHE A 291 3.57 1.16 -9.09
C PHE A 291 2.07 1.22 -8.79
N PRO A 292 1.48 2.43 -8.84
CA PRO A 292 0.06 2.54 -8.47
C PRO A 292 -0.83 1.56 -9.19
N ARG A 293 -1.63 0.82 -8.41
CA ARG A 293 -2.63 -0.12 -8.93
C ARG A 293 -2.01 -1.32 -9.64
N ALA A 294 -0.73 -1.57 -9.40
CA ALA A 294 -0.03 -2.73 -9.96
C ALA A 294 -0.20 -3.93 -9.05
N TYR A 295 -0.94 -4.94 -9.51
CA TYR A 295 -1.14 -6.14 -8.72
C TYR A 295 0.17 -6.87 -8.57
N HIS A 296 0.44 -7.39 -7.37
CA HIS A 296 1.66 -8.18 -7.17
C HIS A 296 1.38 -9.31 -6.19
N SER A 297 2.19 -10.37 -6.30
CA SER A 297 2.16 -11.49 -5.38
C SER A 297 3.56 -12.12 -5.41
N GLY A 298 3.81 -13.05 -4.50
CA GLY A 298 5.10 -13.71 -4.48
C GLY A 298 5.28 -14.72 -3.39
N PHE A 299 6.47 -15.29 -3.30
CA PHE A 299 6.77 -16.25 -2.25
C PHE A 299 8.27 -16.20 -2.00
N ASN A 300 8.69 -16.66 -0.83
CA ASN A 300 10.08 -16.67 -0.47
C ASN A 300 10.75 -17.98 -0.82
N GLN A 301 11.99 -17.89 -1.27
CA GLN A 301 12.78 -19.06 -1.63
C GLN A 301 13.29 -19.76 -0.38
N GLY A 302 13.33 -19.03 0.72
CA GLY A 302 13.84 -19.57 1.96
C GLY A 302 13.84 -18.51 3.04
N PHE A 303 14.53 -18.79 4.14
CA PHE A 303 14.64 -17.90 5.28
C PHE A 303 15.19 -16.53 4.86
N ASN A 304 14.43 -15.46 5.11
CA ASN A 304 14.87 -14.12 4.74
C ASN A 304 14.15 -13.04 5.56
N PHE A 305 14.54 -11.78 5.35
CA PHE A 305 14.05 -10.65 6.14
C PHE A 305 13.91 -9.43 5.25
N ALA A 306 12.69 -8.93 5.12
CA ALA A 306 12.40 -7.85 4.20
C ALA A 306 11.72 -6.71 4.94
N GLU A 307 11.73 -5.54 4.32
CA GLU A 307 11.13 -4.36 4.89
C GLU A 307 10.51 -3.58 3.75
N ALA A 308 9.28 -3.14 3.96
CA ALA A 308 8.50 -2.50 2.91
C ALA A 308 7.71 -1.32 3.44
N VAL A 309 7.48 -0.33 2.58
CA VAL A 309 6.66 0.82 2.98
C VAL A 309 5.91 1.38 1.79
N ASN A 310 4.70 1.86 2.06
CA ASN A 310 3.95 2.57 1.04
C ASN A 310 4.45 3.98 0.86
N PHE A 311 4.29 4.53 -0.33
CA PHE A 311 4.53 5.95 -0.49
C PHE A 311 3.80 6.54 -1.68
N CYS A 312 3.69 7.86 -1.65
CA CYS A 312 2.88 8.61 -2.58
C CYS A 312 3.65 9.82 -3.08
N THR A 313 3.85 9.86 -4.38
CA THR A 313 4.54 10.95 -5.04
C THR A 313 3.49 11.89 -5.61
N VAL A 314 3.92 12.99 -6.23
CA VAL A 314 2.99 13.91 -6.89
C VAL A 314 2.37 13.27 -8.14
N ASP A 315 3.13 12.39 -8.79
CA ASP A 315 2.62 11.62 -9.90
C ASP A 315 1.33 10.89 -9.48
N TRP A 316 1.30 10.44 -8.23
CA TRP A 316 0.22 9.60 -7.75
C TRP A 316 -1.07 10.37 -7.39
N LEU A 317 -0.95 11.65 -7.05
CA LEU A 317 -2.10 12.42 -6.55
C LEU A 317 -3.42 12.23 -7.34
N PRO A 318 -3.39 12.34 -8.68
CA PRO A 318 -4.66 12.16 -9.39
C PRO A 318 -5.20 10.73 -9.30
N LEU A 319 -4.31 9.74 -9.25
CA LEU A 319 -4.72 8.35 -9.08
C LEU A 319 -5.30 8.13 -7.71
N GLY A 320 -4.74 8.80 -6.71
CA GLY A 320 -5.31 8.74 -5.37
C GLY A 320 -6.76 9.18 -5.36
N ARG A 321 -7.07 10.25 -6.09
CA ARG A 321 -8.45 10.75 -6.15
C ARG A 321 -9.33 9.72 -6.87
N GLN A 322 -8.83 9.21 -7.99
N GLN A 322 -8.83 9.21 -8.00
CA GLN A 322 -9.53 8.18 -8.76
CA GLN A 322 -9.57 8.17 -8.75
C GLN A 322 -9.78 6.91 -7.93
C GLN A 322 -9.80 6.93 -7.89
N CYS A 323 -8.81 6.55 -7.08
CA CYS A 323 -8.97 5.37 -6.22
C CYS A 323 -10.12 5.54 -5.21
N VAL A 324 -10.25 6.72 -4.62
CA VAL A 324 -11.28 6.93 -3.61
C VAL A 324 -12.66 6.94 -4.30
N GLU A 325 -12.71 7.47 -5.51
CA GLU A 325 -13.90 7.36 -6.33
C GLU A 325 -14.26 5.89 -6.54
N HIS A 326 -13.26 5.10 -6.93
CA HIS A 326 -13.42 3.66 -7.11
C HIS A 326 -13.87 2.97 -5.84
N TYR A 327 -13.29 3.34 -4.69
CA TYR A 327 -13.73 2.78 -3.41
C TYR A 327 -15.22 3.07 -3.14
N ARG A 328 -15.65 4.28 -3.47
CA ARG A 328 -17.04 4.66 -3.22
C ARG A 328 -17.99 3.79 -4.06
N LEU A 329 -17.65 3.65 -5.34
CA LEU A 329 -18.47 2.84 -6.26
C LEU A 329 -18.57 1.38 -5.79
N LEU A 330 -17.50 0.87 -5.20
CA LEU A 330 -17.50 -0.50 -4.66
C LEU A 330 -17.98 -0.58 -3.20
N HIS A 331 -18.19 0.56 -2.57
CA HIS A 331 -18.55 0.62 -1.13
C HIS A 331 -17.43 0.09 -0.23
N ARG A 332 -16.20 0.40 -0.58
CA ARG A 332 -15.05 -0.04 0.19
C ARG A 332 -14.57 1.03 1.19
N TYR A 333 -14.17 0.61 2.38
CA TYR A 333 -13.61 1.54 3.37
C TYR A 333 -12.29 2.20 2.93
N CYS A 334 -12.10 3.44 3.34
CA CYS A 334 -10.87 4.20 3.05
C CYS A 334 -9.91 4.07 4.20
N VAL A 335 -8.62 4.21 3.92
CA VAL A 335 -7.65 4.25 4.99
C VAL A 335 -7.59 5.67 5.55
N PHE A 336 -7.69 6.65 4.67
CA PHE A 336 -7.73 8.05 5.11
C PHE A 336 -8.59 8.85 4.16
N SER A 337 -8.88 10.11 4.52
CA SER A 337 -9.57 10.99 3.59
C SER A 337 -8.59 11.70 2.67
N HIS A 338 -8.72 11.46 1.37
CA HIS A 338 -7.88 12.10 0.37
C HIS A 338 -8.07 13.64 0.40
N ASP A 339 -9.33 14.07 0.46
CA ASP A 339 -9.60 15.52 0.53
C ASP A 339 -9.02 16.15 1.79
N GLU A 340 -9.07 15.43 2.89
CA GLU A 340 -8.49 15.96 4.12
C GLU A 340 -6.99 16.15 3.93
N MET A 341 -6.35 15.19 3.27
N MET A 341 -6.34 15.18 3.27
CA MET A 341 -4.91 15.30 3.00
CA MET A 341 -4.92 15.31 2.96
C MET A 341 -4.60 16.53 2.12
C MET A 341 -4.63 16.56 2.14
N ILE A 342 -5.39 16.71 1.06
CA ILE A 342 -5.23 17.86 0.16
C ILE A 342 -5.39 19.19 0.91
N CYS A 343 -6.42 19.32 1.73
CA CYS A 343 -6.65 20.56 2.47
C CYS A 343 -5.58 20.79 3.51
N LYS A 344 -5.06 19.73 4.11
CA LYS A 344 -3.96 19.89 5.07
C LYS A 344 -2.75 20.46 4.36
N MET A 345 -2.44 19.92 3.18
CA MET A 345 -1.32 20.44 2.41
C MET A 345 -1.54 21.89 1.99
N ALA A 346 -2.77 22.23 1.57
CA ALA A 346 -3.08 23.62 1.19
C ALA A 346 -2.86 24.55 2.36
N SER A 347 -3.20 24.08 3.56
CA SER A 347 -3.07 24.90 4.77
C SER A 347 -1.62 25.09 5.16
N LYS A 348 -0.73 24.36 4.50
CA LYS A 348 0.71 24.47 4.75
C LYS A 348 1.43 24.91 3.48
N ALA A 349 0.71 25.61 2.62
CA ALA A 349 1.19 25.92 1.27
C ALA A 349 2.57 26.57 1.29
N ASP A 350 2.81 27.44 2.27
CA ASP A 350 4.06 28.19 2.32
C ASP A 350 5.31 27.33 2.56
N VAL A 351 5.15 26.14 3.13
CA VAL A 351 6.33 25.32 3.40
C VAL A 351 6.43 24.11 2.48
N LEU A 352 5.52 24.03 1.51
CA LEU A 352 5.52 22.93 0.56
C LEU A 352 6.61 23.07 -0.48
N ASP A 353 7.23 21.95 -0.85
CA ASP A 353 8.02 21.89 -2.07
C ASP A 353 7.17 22.47 -3.20
N VAL A 354 7.77 23.27 -4.09
CA VAL A 354 6.96 24.02 -5.06
C VAL A 354 6.31 23.15 -6.14
N VAL A 355 6.92 22.02 -6.47
CA VAL A 355 6.32 21.13 -7.45
C VAL A 355 5.14 20.41 -6.81
N VAL A 356 5.30 20.05 -5.54
CA VAL A 356 4.20 19.50 -4.76
C VAL A 356 3.05 20.50 -4.76
N ALA A 357 3.36 21.75 -4.45
CA ALA A 357 2.34 22.80 -4.38
C ALA A 357 1.58 22.90 -5.69
N SER A 358 2.29 22.86 -6.81
CA SER A 358 1.66 22.96 -8.11
C SER A 358 0.70 21.80 -8.39
N THR A 359 1.11 20.59 -8.00
CA THR A 359 0.33 19.39 -8.24
C THR A 359 -0.90 19.34 -7.33
N VAL A 360 -0.73 19.71 -6.07
CA VAL A 360 -1.85 19.81 -5.14
C VAL A 360 -2.90 20.83 -5.62
N GLN A 361 -2.42 21.97 -6.11
N GLN A 361 -2.43 21.96 -6.13
CA GLN A 361 -3.29 23.00 -6.67
CA GLN A 361 -3.35 22.99 -6.64
C GLN A 361 -4.26 22.41 -7.71
C GLN A 361 -4.28 22.41 -7.71
N LYS A 362 -3.71 21.61 -8.61
CA LYS A 362 -4.50 20.99 -9.68
C LYS A 362 -5.56 20.03 -9.16
N ASP A 363 -5.19 19.19 -8.20
CA ASP A 363 -6.14 18.27 -7.59
C ASP A 363 -7.20 19.04 -6.82
N MET A 364 -6.77 20.09 -6.13
CA MET A 364 -7.69 20.89 -5.35
C MET A 364 -8.72 21.57 -6.24
N ALA A 365 -8.30 21.99 -7.43
CA ALA A 365 -9.22 22.63 -8.37
C ALA A 365 -10.34 21.67 -8.76
N ILE A 366 -9.99 20.41 -8.98
CA ILE A 366 -10.96 19.37 -9.32
C ILE A 366 -11.88 19.11 -8.14
N MET A 367 -11.29 19.06 -6.95
CA MET A 367 -12.04 18.83 -5.72
C MET A 367 -13.10 19.90 -5.52
N ILE A 368 -12.68 21.16 -5.71
CA ILE A 368 -13.57 22.29 -5.47
C ILE A 368 -14.71 22.30 -6.49
N GLU A 369 -14.40 22.07 -7.76
CA GLU A 369 -15.47 22.06 -8.76
C GLU A 369 -16.43 20.90 -8.56
N ASP A 370 -15.92 19.73 -8.19
CA ASP A 370 -16.82 18.62 -7.85
C ASP A 370 -17.71 18.95 -6.64
N GLU A 371 -17.13 19.62 -5.64
CA GLU A 371 -17.85 19.93 -4.42
C GLU A 371 -18.94 20.95 -4.68
N LYS A 372 -18.61 21.93 -5.51
CA LYS A 372 -19.56 22.95 -5.92
C LYS A 372 -20.79 22.32 -6.57
N ALA A 373 -20.56 21.40 -7.50
CA ALA A 373 -21.66 20.75 -8.19
C ALA A 373 -22.49 19.87 -7.25
N LEU A 374 -21.83 19.15 -6.35
CA LEU A 374 -22.55 18.29 -5.42
C LEU A 374 -23.42 19.11 -4.48
N ARG A 375 -22.91 20.25 -4.04
CA ARG A 375 -23.69 21.09 -3.12
C ARG A 375 -24.89 21.70 -3.85
N GLU A 376 -24.74 21.98 -5.13
CA GLU A 376 -25.88 22.52 -5.88
C GLU A 376 -26.96 21.46 -5.99
N THR A 377 -26.54 20.23 -6.23
CA THR A 377 -27.48 19.11 -6.33
C THR A 377 -28.24 18.84 -5.03
N VAL A 378 -27.56 18.87 -3.89
CA VAL A 378 -28.27 18.56 -2.65
C VAL A 378 -29.18 19.75 -2.25
N ARG A 379 -28.81 20.97 -2.63
CA ARG A 379 -29.69 22.11 -2.40
C ARG A 379 -30.98 21.90 -3.19
N LYS A 380 -30.85 21.39 -4.40
CA LYS A 380 -32.02 21.17 -5.25
C LYS A 380 -32.88 20.01 -4.77
N LEU A 381 -32.31 19.18 -3.88
CA LEU A 381 -33.07 18.09 -3.28
C LEU A 381 -33.84 18.55 -2.04
N GLY A 382 -33.64 19.80 -1.64
CA GLY A 382 -34.41 20.41 -0.58
C GLY A 382 -33.66 20.53 0.74
N VAL A 383 -32.37 20.24 0.72
CA VAL A 383 -31.54 20.41 1.93
C VAL A 383 -31.17 21.88 2.03
N ILE A 384 -31.62 22.52 3.10
CA ILE A 384 -31.47 23.97 3.20
C ILE A 384 -30.59 24.39 4.36
N ASP A 385 -30.81 23.83 5.55
CA ASP A 385 -29.99 24.18 6.70
C ASP A 385 -28.58 23.66 6.51
N SER A 386 -27.61 24.34 7.12
CA SER A 386 -26.24 23.87 7.09
C SER A 386 -25.50 24.31 8.34
N GLU A 387 -24.38 23.66 8.63
CA GLU A 387 -23.49 24.08 9.72
C GLU A 387 -22.09 23.57 9.45
N ARG A 388 -21.10 24.40 9.75
CA ARG A 388 -19.73 23.97 9.62
C ARG A 388 -19.49 22.79 10.57
N MET A 389 -18.69 21.85 10.12
CA MET A 389 -18.38 20.70 10.94
C MET A 389 -16.93 20.31 10.73
N ASP A 390 -16.19 20.21 11.83
CA ASP A 390 -14.78 19.82 11.79
C ASP A 390 -14.61 18.31 11.73
N PHE A 391 -14.83 17.74 10.55
CA PHE A 391 -14.80 16.29 10.37
C PHE A 391 -13.51 15.66 10.88
N GLU A 392 -12.40 16.38 10.80
CA GLU A 392 -11.11 15.77 11.13
C GLU A 392 -11.04 15.38 12.61
N LEU A 393 -11.93 15.95 13.42
CA LEU A 393 -11.97 15.64 14.85
C LEU A 393 -12.68 14.31 15.16
N LEU A 394 -13.49 13.83 14.23
CA LEU A 394 -14.22 12.60 14.48
C LEU A 394 -13.33 11.40 14.25
N PRO A 395 -13.44 10.39 15.12
CA PRO A 395 -12.85 9.08 14.83
C PRO A 395 -13.23 8.64 13.42
N ASP A 396 -12.35 7.96 12.71
CA ASP A 396 -12.63 7.54 11.33
C ASP A 396 -13.94 6.77 11.21
N ASP A 397 -14.19 5.87 12.16
CA ASP A 397 -15.39 5.05 12.04
C ASP A 397 -16.64 5.80 12.45
N GLU A 398 -16.50 7.07 12.81
CA GLU A 398 -17.68 7.90 13.06
C GLU A 398 -17.96 8.90 11.93
N ARG A 399 -17.27 8.79 10.80
CA ARG A 399 -17.63 9.66 9.69
C ARG A 399 -17.62 8.94 8.35
N GLN A 400 -18.02 7.68 8.36
CA GLN A 400 -18.22 6.97 7.10
C GLN A 400 -19.65 7.12 6.60
N CYS A 401 -19.80 7.32 5.30
CA CYS A 401 -21.11 7.34 4.66
C CYS A 401 -21.80 6.00 4.90
N VAL A 402 -23.01 6.04 5.44
CA VAL A 402 -23.78 4.82 5.74
C VAL A 402 -23.89 3.89 4.53
N LYS A 403 -24.01 4.48 3.35
CA LYS A 403 -24.19 3.74 2.12
C LYS A 403 -22.87 3.24 1.53
N CYS A 404 -21.97 4.16 1.21
CA CYS A 404 -20.79 3.77 0.43
C CYS A 404 -19.50 3.65 1.26
N LYS A 405 -19.61 3.96 2.55
CA LYS A 405 -18.52 3.82 3.54
C LYS A 405 -17.36 4.81 3.33
N THR A 406 -17.50 5.77 2.42
CA THR A 406 -16.40 6.70 2.19
C THR A 406 -16.17 7.52 3.46
N THR A 407 -14.91 7.91 3.70
CA THR A 407 -14.61 8.75 4.83
C THR A 407 -14.94 10.20 4.48
N CYS A 408 -15.90 10.79 5.19
CA CYS A 408 -16.35 12.13 4.88
C CYS A 408 -15.34 13.17 5.36
N PHE A 409 -15.20 14.23 4.60
CA PHE A 409 -14.43 15.37 5.07
C PHE A 409 -14.95 16.70 4.53
N MET A 410 -15.12 16.79 3.20
CA MET A 410 -15.59 18.05 2.62
C MET A 410 -16.99 18.38 3.09
N SER A 411 -17.85 17.36 3.16
CA SER A 411 -19.24 17.57 3.52
C SER A 411 -19.97 16.25 3.74
N ALA A 412 -21.12 16.36 4.39
CA ALA A 412 -22.01 15.22 4.62
C ALA A 412 -23.39 15.74 4.94
N ILE A 413 -24.35 14.83 4.91
CA ILE A 413 -25.72 15.11 5.34
C ILE A 413 -26.00 14.38 6.64
N SER A 414 -26.63 15.07 7.59
CA SER A 414 -27.08 14.47 8.84
C SER A 414 -28.57 14.70 9.04
N CYS A 415 -29.17 13.93 9.92
CA CYS A 415 -30.55 14.16 10.35
C CYS A 415 -30.68 13.84 11.84
N SER A 416 -31.36 14.69 12.59
CA SER A 416 -31.47 14.53 14.05
C SER A 416 -32.23 13.27 14.42
N CYS A 417 -33.03 12.81 13.47
CA CYS A 417 -33.60 11.46 13.47
C CYS A 417 -32.62 10.28 13.64
N LYS A 418 -31.44 10.36 13.00
CA LYS A 418 -30.40 9.32 13.12
C LYS A 418 -29.13 9.92 13.72
N PRO A 419 -29.10 10.14 15.05
CA PRO A 419 -27.96 10.81 15.69
C PRO A 419 -26.63 10.13 15.35
N GLY A 420 -25.68 10.92 14.86
CA GLY A 420 -24.34 10.40 14.60
C GLY A 420 -24.16 9.74 13.24
N LEU A 421 -25.26 9.41 12.56
CA LEU A 421 -25.13 8.86 11.20
C LEU A 421 -24.90 9.95 10.14
N LEU A 422 -24.14 9.59 9.12
CA LEU A 422 -23.81 10.49 8.03
C LEU A 422 -23.94 9.83 6.68
N VAL A 423 -24.30 10.60 5.67
CA VAL A 423 -24.09 10.17 4.29
C VAL A 423 -23.31 11.21 3.53
N CYS A 424 -22.49 10.78 2.57
CA CYS A 424 -21.82 11.72 1.69
C CYS A 424 -22.85 12.30 0.74
N LEU A 425 -22.46 13.29 -0.04
CA LEU A 425 -23.45 14.01 -0.84
C LEU A 425 -23.90 13.20 -2.06
N HIS A 426 -23.26 12.07 -2.34
CA HIS A 426 -23.77 11.17 -3.39
C HIS A 426 -24.95 10.34 -2.92
N HIS A 427 -25.17 10.30 -1.60
CA HIS A 427 -26.15 9.40 -1.04
C HIS A 427 -27.13 10.05 -0.07
N VAL A 428 -27.49 11.29 -0.36
CA VAL A 428 -28.48 12.03 0.41
C VAL A 428 -29.75 11.20 0.65
N LYS A 429 -30.15 10.40 -0.33
CA LYS A 429 -31.39 9.64 -0.22
C LYS A 429 -31.28 8.37 0.61
N GLU A 430 -30.09 8.10 1.15
CA GLU A 430 -29.86 6.82 1.81
C GLU A 430 -29.80 6.90 3.32
N LEU A 431 -30.16 8.04 3.90
CA LEU A 431 -29.98 8.24 5.33
C LEU A 431 -31.20 7.81 6.16
N CYS A 432 -32.38 8.32 5.80
CA CYS A 432 -33.59 8.04 6.55
C CYS A 432 -34.79 8.48 5.73
N SER A 433 -35.99 8.25 6.25
CA SER A 433 -37.21 8.54 5.48
C SER A 433 -37.72 9.96 5.69
N CYS A 434 -37.07 10.73 6.55
CA CYS A 434 -37.46 12.12 6.76
C CYS A 434 -37.31 12.90 5.49
N PRO A 435 -38.16 13.92 5.30
CA PRO A 435 -37.99 14.81 4.17
C PRO A 435 -36.74 15.65 4.33
N PRO A 436 -36.02 15.88 3.23
CA PRO A 436 -34.78 16.68 3.17
C PRO A 436 -34.75 18.00 3.92
N TYR A 437 -35.86 18.72 4.11
CA TYR A 437 -35.75 19.96 4.87
C TYR A 437 -35.42 19.70 6.35
N LYS A 438 -35.57 18.45 6.80
CA LYS A 438 -35.12 18.09 8.16
C LYS A 438 -33.60 17.90 8.22
N TYR A 439 -32.97 17.83 7.06
CA TYR A 439 -31.54 17.50 6.99
C TYR A 439 -30.64 18.73 7.19
N LYS A 440 -29.39 18.50 7.57
CA LYS A 440 -28.41 19.56 7.58
C LYS A 440 -27.23 19.18 6.69
N LEU A 441 -26.82 20.11 5.86
CA LEU A 441 -25.52 20.01 5.21
C LEU A 441 -24.42 20.37 6.21
N ARG A 442 -23.60 19.39 6.54
CA ARG A 442 -22.43 19.60 7.38
C ARG A 442 -21.24 19.77 6.44
N TYR A 443 -20.52 20.88 6.56
CA TYR A 443 -19.44 21.18 5.62
C TYR A 443 -18.17 21.62 6.35
N ARG A 444 -17.01 21.21 5.86
CA ARG A 444 -15.78 21.63 6.52
C ARG A 444 -15.45 23.07 6.17
N TYR A 445 -15.61 23.40 4.89
CA TYR A 445 -15.26 24.72 4.36
C TYR A 445 -16.36 25.25 3.47
N THR A 446 -16.57 26.56 3.49
CA THR A 446 -17.41 27.18 2.45
C THR A 446 -16.58 27.27 1.17
N LEU A 447 -17.24 27.41 0.04
CA LEU A 447 -16.51 27.65 -1.20
C LEU A 447 -15.64 28.89 -1.08
N ASP A 448 -16.11 29.91 -0.37
CA ASP A 448 -15.31 31.11 -0.14
C ASP A 448 -14.06 30.88 0.72
N ASP A 449 -14.07 29.88 1.61
CA ASP A 449 -12.84 29.47 2.32
C ASP A 449 -11.84 28.78 1.38
N LEU A 450 -12.37 28.01 0.44
CA LEU A 450 -11.55 27.10 -0.35
C LEU A 450 -10.73 27.81 -1.43
N TYR A 451 -11.31 28.79 -2.09
CA TYR A 451 -10.56 29.49 -3.16
C TYR A 451 -9.27 30.15 -2.66
N PRO A 452 -9.28 30.83 -1.50
CA PRO A 452 -8.00 31.36 -1.01
C PRO A 452 -6.96 30.29 -0.67
N MET A 453 -7.42 29.13 -0.22
CA MET A 453 -6.51 28.03 0.09
C MET A 453 -5.84 27.61 -1.21
N MET A 454 -6.63 27.47 -2.27
CA MET A 454 -6.06 27.09 -3.55
C MET A 454 -5.12 28.17 -4.09
N ASN A 455 -5.45 29.44 -3.82
N ASN A 455 -5.44 29.43 -3.81
CA ASN A 455 -4.62 30.55 -4.28
CA ASN A 455 -4.62 30.53 -4.30
C ASN A 455 -3.25 30.57 -3.63
C ASN A 455 -3.25 30.60 -3.62
N ALA A 456 -3.20 30.17 -2.36
CA ALA A 456 -1.93 30.12 -1.65
C ALA A 456 -0.99 29.10 -2.31
N LEU A 457 -1.55 27.98 -2.75
CA LEU A 457 -0.78 26.97 -3.48
C LEU A 457 -0.25 27.53 -4.80
N LYS A 458 -1.11 28.23 -5.53
CA LYS A 458 -0.71 28.85 -6.77
C LYS A 458 0.45 29.82 -6.55
N LEU A 459 0.35 30.67 -5.53
CA LEU A 459 1.43 31.60 -5.21
C LEU A 459 2.71 30.89 -4.83
N ARG A 460 2.61 29.80 -4.07
CA ARG A 460 3.81 29.06 -3.71
C ARG A 460 4.42 28.41 -4.95
N ALA A 461 3.56 27.89 -5.82
CA ALA A 461 4.00 27.28 -7.06
C ALA A 461 4.48 28.33 -8.04
N GLU A 462 4.10 29.59 -7.79
CA GLU A 462 4.47 30.75 -8.60
C GLU A 462 4.05 30.57 -10.05
ZN ZN B . -21.73 7.81 0.13
ZN ZN C . -34.39 11.56 9.64
MN MN D . 2.04 -4.96 -1.51
MN MN E . -24.79 3.25 -5.04
MN MN F . 22.54 -21.26 4.39
MN MN G . -22.57 -2.95 0.46
C 77J H . 14.41 -1.28 -19.89
N 77J H . 14.10 -0.50 -20.98
O 77J H . 12.82 -0.10 -22.80
S 77J H . 15.72 -0.70 -18.87
C1 77J H . 12.74 -2.75 -20.40
N1 77J H . 13.78 -2.38 -19.57
O1 77J H . 18.40 -6.20 -17.40
C2 77J H . 12.37 -2.03 -21.51
N2 77J H . 18.14 -4.84 -17.55
O2 77J H . 15.91 -5.01 -17.43
C3 77J H . 13.07 -0.84 -21.84
C4 77J H . 11.99 -3.96 -20.04
C5 77J H . 10.67 -4.14 -20.45
C6 77J H . 9.95 -5.25 -20.05
C7 77J H . 10.54 -6.21 -19.26
C8 77J H . 11.84 -6.07 -18.85
C9 77J H . 12.58 -4.95 -19.24
C10 77J H . 16.10 -2.19 -17.92
C11 77J H . 16.85 -3.24 -18.72
C12 77J H . 16.92 -4.45 -17.84
C 77J I . 6.48 -9.65 1.69
N 77J I . 7.23 -10.72 2.08
O 77J I . 7.46 -12.66 3.20
S 77J I . 7.36 -8.47 0.74
C1 77J I . 4.67 -10.43 2.81
N1 77J I . 5.23 -9.47 2.01
O1 77J I . 4.01 -3.98 -1.50
C2 77J I . 5.36 -11.54 3.24
N2 77J I . 4.75 -4.94 -0.81
O2 77J I . 3.12 -6.47 -0.71
C3 77J I . 6.72 -11.71 2.86
C4 77J I . 3.28 -10.18 3.24
C5 77J I . 2.72 -10.92 4.29
C6 77J I . 1.45 -10.63 4.75
C7 77J I . 0.71 -9.62 4.17
C8 77J I . 1.25 -8.90 3.13
C9 77J I . 2.52 -9.17 2.66
C10 77J I . 6.11 -7.16 0.60
C11 77J I . 5.38 -7.25 -0.71
C12 77J I . 4.31 -6.18 -0.74
C1 EDO J . 8.47 -9.83 12.27
O1 EDO J . 8.14 -9.93 10.87
C2 EDO J . 7.98 -8.50 12.79
O2 EDO J . 7.75 -8.62 14.20
C1 EDO K . -23.21 25.99 2.64
O1 EDO K . -22.40 25.31 1.66
C2 EDO K . -22.28 26.93 3.38
O2 EDO K . -21.42 27.57 2.42
C1 EDO L . -15.17 14.80 -3.23
O1 EDO L . -13.80 15.22 -3.38
C2 EDO L . -16.05 15.90 -3.80
O2 EDO L . -15.38 17.15 -3.60
C1 EDO M . 3.87 -10.34 -20.03
O1 EDO M . 3.60 -11.75 -19.96
C2 EDO M . 4.32 -9.91 -21.43
O2 EDO M . 3.24 -10.03 -22.37
C1 EDO N . -21.46 7.85 10.40
O1 EDO N . -22.43 7.23 9.53
C2 EDO N . -20.65 6.81 11.20
O2 EDO N . -19.48 6.36 10.49
C1 EDO O . -3.51 2.65 -13.20
O1 EDO O . -3.26 2.68 -14.62
C2 EDO O . -4.74 3.49 -12.87
O2 EDO O . -5.94 2.75 -13.18
C1 EDO P . -27.39 23.84 2.03
O1 EDO P . -27.95 23.01 1.01
C2 EDO P . -27.49 25.32 1.64
O2 EDO P . -28.85 25.76 1.74
C1 EDO Q . -12.04 -14.71 -21.36
O1 EDO Q . -11.86 -16.13 -21.26
C2 EDO Q . -10.74 -13.98 -21.00
O2 EDO Q . -9.78 -14.14 -22.05
C1 EDO R . 0.47 -5.27 4.70
O1 EDO R . 1.08 -6.24 5.55
C2 EDO R . -0.97 -5.01 5.15
O2 EDO R . -1.76 -6.20 5.06
C1 EDO S . 18.95 -27.00 7.96
O1 EDO S . 18.47 -27.91 8.96
C2 EDO S . 20.39 -26.63 8.27
O2 EDO S . 20.73 -25.41 7.60
C1 EDO T . 9.84 -31.49 -8.88
O1 EDO T . 10.05 -31.05 -10.23
C2 EDO T . 9.44 -30.31 -8.01
O2 EDO T . 8.21 -29.73 -8.51
C1 EDO U . -27.15 19.88 15.82
O1 EDO U . -28.57 19.90 15.58
C2 EDO U . -26.62 21.30 15.99
O2 EDO U . -25.19 21.31 15.98
C1 EDO V . -21.92 14.14 13.39
O1 EDO V . -21.53 13.42 14.57
C2 EDO V . -23.44 14.29 13.25
O2 EDO V . -23.91 15.49 13.88
C1 EDO W . 5.59 -17.49 -21.52
O1 EDO W . 6.60 -18.42 -21.91
C2 EDO W . 6.26 -16.17 -21.17
O2 EDO W . 7.27 -16.41 -20.19
C1 EDO X . -15.50 9.69 -2.71
O1 EDO X . -15.22 10.48 -3.89
C2 EDO X . -15.41 10.52 -1.43
O2 EDO X . -14.50 11.62 -1.58
C1 EDO Y . -32.88 4.78 4.02
O1 EDO Y . -33.02 4.26 2.69
C2 EDO Y . -34.27 5.06 4.58
O2 EDO Y . -35.01 5.87 3.67
S DMS Z . -7.65 20.56 7.79
O DMS Z . -7.22 19.29 7.09
C1 DMS Z . -6.27 21.75 7.80
C2 DMS Z . -7.80 20.27 9.58
S DMS AA . -10.00 -1.86 -4.98
O DMS AA . -11.17 -1.15 -4.37
C1 DMS AA . -8.70 -2.09 -3.78
C2 DMS AA . -9.22 -0.83 -6.19
S DMS BA . -1.22 -12.63 3.07
O DMS BA . -1.17 -12.48 1.58
C1 DMS BA . 0.07 -13.76 3.66
C2 DMS BA . -2.69 -13.56 3.60
S DMS CA . 3.82 -2.72 3.06
O DMS CA . 3.82 -4.19 2.67
C1 DMS CA . 2.11 -2.27 3.48
C2 DMS CA . 4.02 -1.82 1.50
#